data_5MPI
#
_entry.id   5MPI
#
_cell.length_a   104.405
_cell.length_b   104.405
_cell.length_c   116.254
_cell.angle_alpha   90.00
_cell.angle_beta   90.00
_cell.angle_gamma   120.00
#
_symmetry.space_group_name_H-M   'P 61 2 2'
#
loop_
_entity.id
_entity.type
_entity.pdbx_description
1 polymer 'Grainyhead-like protein 1 homolog'
2 water water
#
_entity_poly.entity_id   1
_entity_poly.type   'polypeptide(L)'
_entity_poly.pdbx_seq_one_letter_code
;SGNNFEYTLEASKSLRQKPGDSTMTYLNKGQFYPITLKEVSSSEGIHHPISKVRSVIMVVFAEDKSREDQLRHWKYWHSR
QHTAKQRCIDIADYKESFNTISNVEEIAYNAISFTWDINDEAKVFISVNCLSTDFSSQKGVKGLPLNIQIDTYSYNNRSN
KPVHRAYCQIKVFCDKGAEQKIRDEERKQSKRKVSDVKVPLLPSHKRMDITVFKPFIDLDTQPVLFIPDVHFANLQRG
;
_entity_poly.pdbx_strand_id   A
#
# COMPACT_ATOMS: atom_id res chain seq x y z
N GLY A 2 -18.29 4.64 -14.10
CA GLY A 2 -18.67 5.38 -12.92
C GLY A 2 -17.52 5.63 -11.95
N ASN A 3 -17.86 5.99 -10.71
CA ASN A 3 -16.84 6.26 -9.70
C ASN A 3 -16.98 5.34 -8.48
N ASN A 4 -17.54 4.17 -8.71
CA ASN A 4 -17.74 3.19 -7.66
C ASN A 4 -16.64 2.14 -7.62
N PHE A 5 -15.54 2.47 -6.95
CA PHE A 5 -14.41 1.57 -6.90
C PHE A 5 -14.32 0.78 -5.58
N GLU A 6 -13.73 -0.40 -5.64
CA GLU A 6 -13.47 -1.20 -4.44
C GLU A 6 -12.14 -1.91 -4.58
N TYR A 7 -11.28 -1.85 -3.56
CA TYR A 7 -10.00 -2.56 -3.61
C TYR A 7 -9.94 -3.58 -2.48
N THR A 8 -9.31 -4.71 -2.72
CA THR A 8 -9.13 -5.65 -1.63
C THR A 8 -7.66 -6.02 -1.48
N LEU A 9 -7.31 -6.42 -0.27
CA LEU A 9 -6.03 -7.02 0.05
C LEU A 9 -6.28 -8.39 0.71
N GLU A 10 -5.69 -9.44 0.14
CA GLU A 10 -5.91 -10.80 0.61
C GLU A 10 -4.77 -11.24 1.51
N ALA A 11 -4.98 -11.06 2.81
CA ALA A 11 -3.95 -11.38 3.78
C ALA A 11 -4.63 -11.54 5.11
N SER A 12 -3.85 -11.88 6.13
CA SER A 12 -4.41 -12.14 7.45
C SER A 12 -4.73 -10.86 8.20
N LYS A 13 -5.93 -10.78 8.76
CA LYS A 13 -6.36 -9.58 9.45
C LYS A 13 -6.54 -9.82 10.96
N SER A 14 -6.00 -8.92 11.77
CA SER A 14 -6.11 -9.08 13.22
C SER A 14 -7.52 -8.97 13.67
N LEU A 15 -7.76 -9.53 14.85
CA LEU A 15 -9.08 -9.55 15.45
C LEU A 15 -9.22 -8.43 16.44
N ARG A 16 -10.46 -7.96 16.58
CA ARG A 16 -10.80 -6.82 17.42
C ARG A 16 -11.05 -7.29 18.83
N GLN A 17 -10.20 -6.88 19.75
CA GLN A 17 -10.36 -7.27 21.14
C GLN A 17 -11.54 -6.56 21.82
N LYS A 18 -11.54 -5.23 21.76
CA LYS A 18 -12.56 -4.45 22.44
C LYS A 18 -13.16 -3.44 21.48
N PRO A 19 -14.38 -2.97 21.75
CA PRO A 19 -14.93 -1.92 20.89
C PRO A 19 -14.01 -0.70 20.83
N GLY A 20 -13.72 -0.20 19.65
CA GLY A 20 -12.91 1.02 19.53
C GLY A 20 -11.52 0.72 19.03
N ASP A 21 -11.12 -0.53 19.13
CA ASP A 21 -9.86 -1.01 18.60
C ASP A 21 -9.91 -1.01 17.10
N SER A 22 -8.86 -0.52 16.45
CA SER A 22 -8.85 -0.50 15.01
C SER A 22 -8.24 -1.81 14.51
N THR A 23 -8.58 -2.16 13.29
CA THR A 23 -8.17 -3.44 12.74
C THR A 23 -6.91 -3.29 11.88
N MET A 24 -5.99 -4.23 12.02
CA MET A 24 -4.72 -4.25 11.28
C MET A 24 -4.65 -5.46 10.37
N THR A 25 -4.09 -5.28 9.19
CA THR A 25 -3.77 -6.41 8.32
C THR A 25 -2.28 -6.72 8.40
N TYR A 26 -1.95 -7.98 8.62
CA TYR A 26 -0.57 -8.36 8.87
C TYR A 26 0.08 -8.89 7.58
N LEU A 27 1.28 -8.38 7.26
CA LEU A 27 2.08 -8.78 6.08
C LEU A 27 3.46 -9.21 6.47
N ASN A 28 4.01 -10.20 5.75
CA ASN A 28 5.43 -10.54 5.86
C ASN A 28 6.24 -9.63 4.93
N LYS A 29 7.41 -9.16 5.38
CA LYS A 29 8.22 -8.23 4.61
C LYS A 29 8.70 -8.83 3.29
N GLY A 30 8.45 -8.12 2.20
CA GLY A 30 8.96 -8.53 0.90
C GLY A 30 8.19 -9.67 0.25
N GLN A 31 7.07 -10.05 0.87
CA GLN A 31 6.25 -11.13 0.36
C GLN A 31 5.09 -10.58 -0.40
N PHE A 32 4.83 -11.14 -1.59
CA PHE A 32 3.74 -10.65 -2.46
C PHE A 32 2.35 -11.09 -1.98
N TYR A 33 1.45 -10.13 -1.88
CA TYR A 33 0.05 -10.36 -1.53
C TYR A 33 -0.88 -9.98 -2.69
N PRO A 34 -2.00 -10.70 -2.88
CA PRO A 34 -2.95 -10.42 -3.94
C PRO A 34 -3.83 -9.23 -3.63
N ILE A 35 -3.79 -8.23 -4.50
CA ILE A 35 -4.66 -7.06 -4.38
C ILE A 35 -5.57 -7.04 -5.59
N THR A 36 -6.87 -6.79 -5.39
CA THR A 36 -7.81 -6.65 -6.51
C THR A 36 -8.31 -5.23 -6.53
N LEU A 37 -8.55 -4.71 -7.74
CA LEU A 37 -9.20 -3.41 -7.95
C LEU A 37 -10.37 -3.57 -8.89
N LYS A 38 -11.50 -2.98 -8.54
CA LYS A 38 -12.68 -3.19 -9.35
C LYS A 38 -13.59 -1.96 -9.33
N GLU A 39 -14.37 -1.81 -10.40
CA GLU A 39 -15.36 -0.75 -10.49
C GLU A 39 -16.71 -1.42 -10.59
N VAL A 40 -17.44 -1.37 -9.48
CA VAL A 40 -18.73 -2.04 -9.41
C VAL A 40 -19.84 -1.01 -9.38
N SER A 41 -20.27 -0.57 -10.56
CA SER A 41 -21.31 0.45 -10.67
C SER A 41 -22.53 -0.13 -11.41
N SER A 42 -23.72 0.40 -11.10
CA SER A 42 -24.98 -0.12 -11.65
C SER A 42 -25.14 0.04 -13.18
N SER A 43 -24.25 0.81 -13.81
CA SER A 43 -24.24 0.92 -15.27
C SER A 43 -23.71 -0.34 -15.96
N SER A 51 -13.29 3.17 -21.63
CA SER A 51 -13.22 3.52 -20.21
C SER A 51 -12.00 2.94 -19.50
N LYS A 52 -10.93 3.72 -19.41
CA LYS A 52 -9.70 3.28 -18.75
C LYS A 52 -9.29 4.28 -17.67
N VAL A 53 -8.64 3.79 -16.62
CA VAL A 53 -8.27 4.63 -15.49
C VAL A 53 -6.85 4.33 -15.06
N ARG A 54 -6.29 5.21 -14.24
CA ARG A 54 -4.94 5.01 -13.72
C ARG A 54 -4.96 4.98 -12.18
N SER A 55 -4.40 3.91 -11.60
CA SER A 55 -4.31 3.76 -10.14
C SER A 55 -2.87 3.78 -9.66
N VAL A 56 -2.65 4.40 -8.49
CA VAL A 56 -1.35 4.42 -7.83
C VAL A 56 -1.42 3.69 -6.49
N ILE A 57 -0.61 2.65 -6.34
CA ILE A 57 -0.53 1.92 -5.09
C ILE A 57 0.68 2.41 -4.31
N MET A 58 0.45 2.85 -3.07
CA MET A 58 1.48 3.47 -2.24
C MET A 58 1.63 2.79 -0.87
N VAL A 59 2.84 2.83 -0.33
CA VAL A 59 2.98 2.64 1.10
C VAL A 59 3.35 3.99 1.70
N VAL A 60 2.52 4.44 2.63
CA VAL A 60 2.64 5.77 3.22
C VAL A 60 2.51 5.71 4.75
N PHE A 61 2.98 6.75 5.43
CA PHE A 61 2.82 6.81 6.86
C PHE A 61 1.39 7.11 7.21
N ALA A 62 0.82 6.37 8.16
CA ALA A 62 -0.58 6.55 8.55
C ALA A 62 -0.72 7.80 9.39
N GLU A 63 0.31 8.01 10.19
CA GLU A 63 0.33 9.06 11.19
C GLU A 63 0.04 10.49 10.62
N ASP A 64 0.38 10.72 9.34
CA ASP A 64 0.06 11.96 8.62
C ASP A 64 0.79 13.18 9.19
N LYS A 65 2.02 13.39 8.73
CA LYS A 65 2.85 14.49 9.24
C LYS A 65 3.11 15.62 8.28
N SER A 66 4.14 16.36 8.61
CA SER A 66 4.78 17.27 7.68
C SER A 66 5.55 16.41 6.73
N ARG A 67 5.68 16.92 5.52
CA ARG A 67 6.43 16.30 4.45
C ARG A 67 7.88 16.10 4.83
N GLU A 68 8.47 17.09 5.49
CA GLU A 68 9.88 17.01 5.87
C GLU A 68 10.10 15.78 6.75
N ASP A 69 9.17 15.54 7.66
CA ASP A 69 9.27 14.43 8.59
C ASP A 69 9.16 13.09 7.88
N GLN A 70 8.20 12.97 6.98
CA GLN A 70 8.04 11.72 6.23
C GLN A 70 9.29 11.44 5.37
N LEU A 71 9.87 12.49 4.80
CA LEU A 71 11.10 12.35 4.01
C LEU A 71 12.26 11.90 4.89
N ARG A 72 12.47 12.61 6.00
CA ARG A 72 13.44 12.22 7.04
C ARG A 72 13.40 10.71 7.30
N HIS A 73 12.20 10.16 7.42
CA HIS A 73 12.07 8.76 7.80
C HIS A 73 12.41 7.80 6.68
N TRP A 74 11.88 8.06 5.49
CA TRP A 74 12.23 7.24 4.36
C TRP A 74 13.75 7.21 4.20
N LYS A 75 14.41 8.32 4.52
CA LYS A 75 15.86 8.41 4.32
C LYS A 75 16.57 7.47 5.28
N TYR A 76 16.09 7.41 6.52
CA TYR A 76 16.66 6.51 7.51
C TYR A 76 16.53 5.08 7.03
N TRP A 77 15.33 4.70 6.60
CA TRP A 77 15.08 3.35 6.13
C TRP A 77 15.99 2.99 4.94
N HIS A 78 16.06 3.88 3.95
CA HIS A 78 16.83 3.62 2.76
C HIS A 78 18.31 3.44 3.05
N SER A 79 18.81 4.17 4.04
CA SER A 79 20.22 4.08 4.40
C SER A 79 20.56 2.77 5.12
N ARG A 80 19.56 2.20 5.80
CA ARG A 80 19.77 0.96 6.53
C ARG A 80 19.63 -0.28 5.62
N GLN A 81 19.10 -0.11 4.41
CA GLN A 81 18.95 -1.23 3.48
C GLN A 81 20.29 -1.73 2.99
N HIS A 82 20.32 -3.00 2.58
CA HIS A 82 21.59 -3.57 2.18
C HIS A 82 21.87 -3.28 0.71
N THR A 83 20.85 -2.87 -0.02
CA THR A 83 21.00 -2.47 -1.43
C THR A 83 20.34 -1.13 -1.68
N ALA A 84 21.02 -0.26 -2.43
CA ALA A 84 20.44 1.02 -2.77
C ALA A 84 19.28 0.82 -3.74
N LYS A 85 19.27 -0.31 -4.43
CA LYS A 85 18.19 -0.66 -5.36
C LYS A 85 16.95 -1.20 -4.68
N GLN A 86 17.00 -1.40 -3.37
CA GLN A 86 15.86 -1.96 -2.65
C GLN A 86 14.74 -0.94 -2.48
N ARG A 87 13.53 -1.29 -2.94
CA ARG A 87 12.35 -0.41 -2.91
C ARG A 87 11.45 -0.69 -1.69
N CYS A 88 10.41 0.13 -1.47
CA CYS A 88 9.51 -0.01 -0.35
C CYS A 88 8.30 -0.85 -0.72
N ILE A 89 7.97 -0.82 -2.01
CA ILE A 89 6.82 -1.56 -2.50
C ILE A 89 7.20 -2.13 -3.87
N ASP A 90 6.81 -3.38 -4.10
CA ASP A 90 7.11 -4.07 -5.34
C ASP A 90 5.87 -4.71 -5.94
N ILE A 91 5.93 -5.00 -7.23
CA ILE A 91 4.83 -5.62 -7.94
C ILE A 91 5.36 -6.80 -8.74
N ALA A 92 4.63 -7.92 -8.73
CA ALA A 92 5.10 -9.14 -9.36
C ALA A 92 4.74 -9.20 -10.83
N ASP A 93 5.47 -10.04 -11.56
CA ASP A 93 5.32 -10.19 -13.00
C ASP A 93 4.47 -11.39 -13.38
N TYR A 94 3.28 -11.49 -12.85
CA TYR A 94 2.48 -12.67 -13.15
C TYR A 94 1.66 -12.36 -14.41
N LYS A 95 1.61 -13.29 -15.37
CA LYS A 95 0.78 -13.08 -16.56
C LYS A 95 -0.67 -12.92 -16.16
N GLU A 96 -1.00 -13.40 -14.98
CA GLU A 96 -2.31 -13.19 -14.46
C GLU A 96 -2.53 -11.71 -14.26
N SER A 97 -1.49 -11.03 -13.82
CA SER A 97 -1.58 -9.61 -13.54
C SER A 97 -1.42 -8.84 -14.84
N PHE A 98 -0.48 -9.30 -15.65
CA PHE A 98 -0.22 -8.71 -16.96
C PHE A 98 -1.48 -8.62 -17.80
N ASN A 99 -2.37 -9.61 -17.67
CA ASN A 99 -3.57 -9.65 -18.50
C ASN A 99 -4.66 -8.66 -18.10
N THR A 100 -4.44 -7.88 -17.04
CA THR A 100 -5.51 -7.03 -16.50
C THR A 100 -5.06 -5.58 -16.38
N ILE A 101 -3.76 -5.36 -16.30
CA ILE A 101 -3.20 -4.02 -16.20
C ILE A 101 -2.22 -3.74 -17.34
N SER A 102 -1.81 -2.49 -17.46
CA SER A 102 -0.78 -2.11 -18.42
C SER A 102 -0.10 -0.84 -17.95
N ASN A 103 0.86 -0.34 -18.73
CA ASN A 103 1.56 0.90 -18.41
C ASN A 103 2.07 0.98 -16.97
N VAL A 104 2.64 -0.11 -16.46
CA VAL A 104 3.18 -0.11 -15.11
C VAL A 104 4.36 0.83 -15.01
N GLU A 105 4.41 1.66 -13.98
CA GLU A 105 5.48 2.64 -13.83
C GLU A 105 5.86 2.79 -12.35
N GLU A 106 7.12 2.57 -12.04
CA GLU A 106 7.59 2.74 -10.67
C GLU A 106 7.92 4.18 -10.43
N ILE A 107 6.90 4.96 -10.08
CA ILE A 107 7.11 6.40 -10.03
C ILE A 107 7.91 6.82 -8.81
N ALA A 108 8.00 5.94 -7.80
CA ALA A 108 8.87 6.20 -6.65
C ALA A 108 9.16 4.91 -5.91
N TYR A 109 10.04 4.97 -4.94
CA TYR A 109 10.38 3.77 -4.19
C TYR A 109 9.20 3.26 -3.34
N ASN A 110 8.24 4.14 -3.05
CA ASN A 110 7.03 3.72 -2.32
C ASN A 110 5.76 3.93 -3.13
N ALA A 111 5.85 3.90 -4.45
CA ALA A 111 4.63 4.08 -5.26
C ALA A 111 4.74 3.38 -6.59
N ILE A 112 3.63 2.81 -7.06
CA ILE A 112 3.60 2.13 -8.34
C ILE A 112 2.29 2.48 -9.06
N SER A 113 2.42 2.91 -10.31
CA SER A 113 1.31 3.37 -11.14
C SER A 113 1.03 2.36 -12.23
N PHE A 114 -0.23 2.28 -12.66
CA PHE A 114 -0.59 1.39 -13.77
C PHE A 114 -1.98 1.73 -14.23
N THR A 115 -2.30 1.42 -15.48
CA THR A 115 -3.62 1.66 -16.01
C THR A 115 -4.39 0.37 -16.14
N TRP A 116 -5.72 0.45 -16.05
CA TRP A 116 -6.58 -0.70 -16.27
C TRP A 116 -7.97 -0.31 -16.77
N ASP A 117 -8.70 -1.27 -17.30
CA ASP A 117 -10.04 -1.03 -17.82
C ASP A 117 -11.06 -1.33 -16.73
N ILE A 118 -12.07 -0.47 -16.60
CA ILE A 118 -13.02 -0.63 -15.50
C ILE A 118 -14.04 -1.72 -15.78
N ASN A 119 -14.05 -2.23 -17.01
CA ASN A 119 -14.90 -3.37 -17.34
C ASN A 119 -14.24 -4.67 -16.89
N ASP A 120 -13.02 -4.56 -16.36
CA ASP A 120 -12.32 -5.73 -15.87
C ASP A 120 -12.09 -5.60 -14.38
N GLU A 121 -11.52 -6.64 -13.83
CA GLU A 121 -11.03 -6.63 -12.47
C GLU A 121 -9.52 -6.63 -12.61
N ALA A 122 -8.88 -5.63 -12.02
CA ALA A 122 -7.45 -5.57 -12.09
C ALA A 122 -6.88 -6.46 -10.99
N LYS A 123 -5.87 -7.25 -11.35
CA LYS A 123 -5.23 -8.14 -10.41
C LYS A 123 -3.74 -7.82 -10.37
N VAL A 124 -3.25 -7.45 -9.20
CA VAL A 124 -1.83 -7.21 -9.00
C VAL A 124 -1.36 -7.98 -7.77
N PHE A 125 -0.06 -8.20 -7.69
CA PHE A 125 0.54 -8.89 -6.58
C PHE A 125 1.67 -8.04 -6.05
N ILE A 126 1.46 -7.58 -4.82
CA ILE A 126 2.21 -6.49 -4.23
C ILE A 126 2.95 -6.90 -2.96
N SER A 127 4.19 -6.47 -2.76
CA SER A 127 4.91 -6.70 -1.50
C SER A 127 5.34 -5.38 -0.87
N VAL A 128 5.35 -5.33 0.45
CA VAL A 128 5.84 -4.19 1.21
C VAL A 128 7.14 -4.62 1.89
N ASN A 129 8.19 -3.84 1.76
CA ASN A 129 9.52 -4.29 2.12
C ASN A 129 10.10 -3.52 3.29
N CYS A 130 9.24 -2.85 4.06
CA CYS A 130 9.75 -2.17 5.25
C CYS A 130 9.02 -2.61 6.53
N LEU A 131 9.79 -2.89 7.58
CA LEU A 131 9.22 -3.15 8.90
C LEU A 131 8.77 -1.84 9.52
N SER A 132 7.82 -1.89 10.42
CA SER A 132 7.30 -0.68 11.05
C SER A 132 8.35 -0.06 11.99
N THR A 133 9.34 -0.86 12.39
CA THR A 133 10.40 -0.40 13.27
C THR A 133 11.69 0.02 12.57
N ASP A 134 11.65 0.09 11.24
CA ASP A 134 12.85 0.38 10.46
C ASP A 134 13.18 1.87 10.42
N PHE A 135 12.41 2.70 11.12
CA PHE A 135 12.59 4.14 10.98
C PHE A 135 13.23 4.76 12.22
N SER A 136 13.60 3.93 13.18
CA SER A 136 14.34 4.35 14.38
C SER A 136 15.00 3.17 15.10
N SER A 137 16.21 3.40 15.59
CA SER A 137 16.96 2.38 16.33
C SER A 137 16.38 2.16 17.73
N GLN A 138 16.44 0.90 18.20
CA GLN A 138 15.90 0.48 19.50
C GLN A 138 14.38 0.74 19.61
N VAL A 141 10.68 0.09 20.36
CA VAL A 141 9.48 0.94 20.36
C VAL A 141 8.42 0.34 19.42
N LYS A 142 7.19 0.84 19.49
CA LYS A 142 6.08 0.30 18.71
C LYS A 142 6.29 0.57 17.22
N GLY A 143 7.02 1.64 16.91
CA GLY A 143 7.29 1.98 15.54
C GLY A 143 6.26 2.94 14.96
N LEU A 144 6.26 3.04 13.64
CA LEU A 144 5.39 3.97 12.94
C LEU A 144 4.29 3.23 12.20
N PRO A 145 3.02 3.59 12.47
CA PRO A 145 1.87 3.08 11.74
C PRO A 145 2.04 3.24 10.22
N LEU A 146 1.70 2.20 9.47
CA LEU A 146 1.79 2.25 8.02
C LEU A 146 0.46 1.90 7.36
N ASN A 147 0.19 2.54 6.22
CA ASN A 147 -0.96 2.21 5.39
C ASN A 147 -0.56 1.84 3.98
N ILE A 148 -1.37 1.01 3.33
CA ILE A 148 -1.27 0.92 1.88
C ILE A 148 -2.36 1.84 1.36
N GLN A 149 -1.98 2.78 0.51
CA GLN A 149 -2.95 3.71 -0.04
C GLN A 149 -3.10 3.49 -1.53
N ILE A 150 -4.32 3.66 -2.01
CA ILE A 150 -4.55 3.56 -3.43
C ILE A 150 -5.29 4.79 -3.94
N ASP A 151 -4.66 5.49 -4.88
CA ASP A 151 -5.28 6.63 -5.54
C ASP A 151 -5.65 6.29 -6.98
N THR A 152 -6.86 6.63 -7.39
CA THR A 152 -7.31 6.36 -8.75
C THR A 152 -7.70 7.64 -9.50
N TYR A 153 -7.06 7.83 -10.66
CA TYR A 153 -7.27 8.97 -11.55
C TYR A 153 -8.03 8.54 -12.80
N SER A 154 -8.83 9.43 -13.39
CA SER A 154 -9.34 9.13 -14.73
C SER A 154 -8.25 9.17 -15.81
N TYR A 155 -8.58 8.68 -17.00
CA TYR A 155 -7.68 8.77 -18.15
C TYR A 155 -7.35 10.22 -18.43
N ASN A 156 -8.41 11.00 -18.69
CA ASN A 156 -8.32 12.44 -18.97
C ASN A 156 -7.50 13.23 -17.95
N ASN A 157 -7.85 13.04 -16.69
CA ASN A 157 -7.22 13.72 -15.55
C ASN A 157 -7.24 15.24 -15.67
N ARG A 158 -8.37 15.79 -16.12
CA ARG A 158 -8.52 17.25 -16.26
C ARG A 158 -8.41 17.93 -14.90
N SER A 159 -8.90 17.22 -13.89
CA SER A 159 -8.84 17.67 -12.50
C SER A 159 -7.42 17.69 -11.98
N ASN A 160 -6.65 16.69 -12.41
CA ASN A 160 -5.30 16.45 -11.94
C ASN A 160 -5.25 15.90 -10.52
N LYS A 161 -6.42 15.63 -9.93
CA LYS A 161 -6.49 15.06 -8.60
C LYS A 161 -7.04 13.64 -8.70
N PRO A 162 -6.90 12.85 -7.63
CA PRO A 162 -7.57 11.55 -7.69
C PRO A 162 -9.07 11.71 -7.78
N VAL A 163 -9.75 10.77 -8.42
CA VAL A 163 -11.21 10.77 -8.39
C VAL A 163 -11.71 9.81 -7.30
N HIS A 164 -10.80 9.03 -6.73
CA HIS A 164 -11.16 8.06 -5.70
C HIS A 164 -9.95 7.65 -4.92
N ARG A 165 -10.08 7.54 -3.60
CA ARG A 165 -8.94 7.15 -2.77
C ARG A 165 -9.37 6.22 -1.62
N ALA A 166 -8.55 5.25 -1.30
CA ALA A 166 -8.83 4.36 -0.19
C ALA A 166 -7.53 3.84 0.42
N TYR A 167 -7.63 3.25 1.61
CA TYR A 167 -6.42 2.78 2.31
C TYR A 167 -6.72 1.55 3.14
N CYS A 168 -5.66 0.93 3.63
CA CYS A 168 -5.71 -0.27 4.46
C CYS A 168 -4.61 -0.14 5.48
N GLN A 169 -4.91 -0.27 6.78
CA GLN A 169 -3.87 -0.19 7.81
C GLN A 169 -3.08 -1.48 7.83
N ILE A 170 -1.75 -1.38 7.83
CA ILE A 170 -0.96 -2.61 7.89
C ILE A 170 0.10 -2.62 8.96
N LYS A 171 0.51 -3.85 9.28
CA LYS A 171 1.66 -4.11 10.11
C LYS A 171 2.49 -5.16 9.42
N VAL A 172 3.76 -4.86 9.22
CA VAL A 172 4.64 -5.72 8.45
C VAL A 172 5.62 -6.41 9.35
N PHE A 173 5.84 -7.69 9.06
CA PHE A 173 6.63 -8.60 9.88
C PHE A 173 7.76 -9.19 9.04
N CYS A 174 8.80 -9.67 9.72
CA CYS A 174 9.86 -10.40 9.03
C CYS A 174 9.71 -11.90 9.31
N ASP A 175 10.25 -12.76 8.44
CA ASP A 175 10.30 -14.21 8.67
C ASP A 175 8.97 -14.90 9.04
N LYS A 176 7.95 -14.78 8.19
CA LYS A 176 6.65 -15.42 8.46
C LYS A 176 6.06 -15.06 9.84
N GLY A 177 6.45 -13.90 10.36
CA GLY A 177 6.00 -13.43 11.67
C GLY A 177 4.55 -13.00 11.69
N ALA A 178 3.96 -12.86 10.49
CA ALA A 178 2.56 -12.46 10.37
C ALA A 178 1.64 -13.54 10.89
N GLU A 179 1.91 -14.78 10.49
CA GLU A 179 1.05 -15.89 10.82
C GLU A 179 1.21 -16.22 12.29
N GLN A 180 2.43 -16.06 12.78
CA GLN A 180 2.72 -16.34 14.18
C GLN A 180 1.94 -15.40 15.08
N LYS A 181 1.72 -14.18 14.62
CA LYS A 181 1.05 -13.17 15.44
C LYS A 181 -0.44 -13.43 15.56
N ILE A 182 -1.05 -13.94 14.50
CA ILE A 182 -2.46 -14.24 14.59
C ILE A 182 -2.65 -15.53 15.40
N ARG A 183 -1.69 -16.45 15.34
CA ARG A 183 -1.73 -17.66 16.19
C ARG A 183 -1.67 -17.28 17.65
N ASP A 184 -0.83 -16.30 17.96
CA ASP A 184 -0.74 -15.74 19.30
C ASP A 184 -2.05 -15.11 19.76
N GLU A 185 -2.71 -14.37 18.88
CA GLU A 185 -3.99 -13.75 19.20
C GLU A 185 -5.14 -14.74 19.29
N GLU A 186 -4.89 -15.99 18.90
CA GLU A 186 -5.88 -17.06 19.03
C GLU A 186 -5.70 -17.81 20.34
N ARG A 187 -4.45 -17.93 20.79
CA ARG A 187 -4.14 -18.59 22.07
C ARG A 187 -4.70 -17.76 23.22
N LYS A 188 -4.56 -16.44 23.15
CA LYS A 188 -5.08 -15.55 24.20
C LYS A 188 -6.61 -15.59 24.23
N GLN A 189 -7.21 -15.80 23.06
CA GLN A 189 -8.66 -15.93 22.94
C GLN A 189 -9.16 -17.25 23.55
N MET A 208 -12.86 -12.37 6.34
CA MET A 208 -11.74 -12.84 7.16
C MET A 208 -10.52 -13.06 6.28
N ASP A 209 -10.73 -13.76 5.17
CA ASP A 209 -9.67 -13.98 4.19
C ASP A 209 -9.25 -12.65 3.57
N ILE A 210 -10.17 -11.69 3.54
CA ILE A 210 -10.00 -10.48 2.73
C ILE A 210 -10.18 -9.19 3.50
N THR A 211 -9.24 -8.27 3.30
CA THR A 211 -9.36 -6.91 3.81
C THR A 211 -9.83 -5.95 2.74
N VAL A 212 -10.88 -5.19 3.03
CA VAL A 212 -11.39 -4.20 2.08
C VAL A 212 -10.85 -2.83 2.41
N PHE A 213 -10.44 -2.08 1.38
CA PHE A 213 -9.86 -0.75 1.54
C PHE A 213 -10.88 0.28 2.01
N LYS A 214 -10.48 1.11 2.97
CA LYS A 214 -11.36 2.15 3.48
C LYS A 214 -11.26 3.41 2.60
N PRO A 215 -12.36 3.83 1.98
CA PRO A 215 -12.35 5.01 1.12
C PRO A 215 -12.35 6.31 1.92
N PHE A 216 -11.76 7.36 1.34
CA PHE A 216 -11.84 8.67 1.94
C PHE A 216 -11.93 9.77 0.87
N ILE A 217 -12.43 10.94 1.25
CA ILE A 217 -12.81 11.90 0.25
C ILE A 217 -11.95 13.18 0.19
N ASP A 218 -10.90 13.28 0.99
CA ASP A 218 -9.91 14.34 0.80
C ASP A 218 -9.10 14.05 -0.47
N LEU A 219 -9.43 14.75 -1.54
CA LEU A 219 -8.75 14.57 -2.83
C LEU A 219 -7.56 15.50 -3.03
N ASP A 220 -7.40 16.48 -2.14
CA ASP A 220 -6.34 17.48 -2.29
C ASP A 220 -5.02 17.02 -1.74
N THR A 221 -5.05 16.39 -0.56
CA THR A 221 -3.81 15.98 0.09
C THR A 221 -3.01 14.98 -0.76
N GLN A 222 -1.92 15.46 -1.35
CA GLN A 222 -0.97 14.59 -2.03
C GLN A 222 -0.08 13.92 -1.01
N PRO A 223 0.27 12.67 -1.27
CA PRO A 223 1.10 11.94 -0.31
C PRO A 223 2.56 12.03 -0.76
N VAL A 224 3.48 11.99 0.20
CA VAL A 224 4.89 12.13 -0.10
C VAL A 224 5.44 10.92 -0.84
N LEU A 225 6.11 11.18 -1.93
CA LEU A 225 6.72 10.10 -2.70
C LEU A 225 8.19 10.12 -2.43
N PHE A 226 8.74 8.97 -2.10
CA PHE A 226 10.14 8.92 -1.78
C PHE A 226 10.92 8.55 -3.00
N ILE A 227 11.72 9.51 -3.47
CA ILE A 227 12.57 9.35 -4.62
C ILE A 227 13.98 9.64 -4.13
N PRO A 228 14.75 8.58 -3.85
CA PRO A 228 16.11 8.68 -3.39
C PRO A 228 16.97 9.32 -4.44
N ASP A 229 17.73 10.32 -4.03
CA ASP A 229 18.62 11.00 -4.95
C ASP A 229 20.03 10.94 -4.42
N VAL A 230 21.00 10.79 -5.32
CA VAL A 230 22.39 10.59 -4.90
C VAL A 230 23.25 11.75 -5.44
N HIS A 231 22.58 12.73 -6.01
CA HIS A 231 23.27 13.95 -6.38
C HIS A 231 23.89 14.63 -5.14
N PHE A 232 25.03 15.30 -5.36
CA PHE A 232 25.75 16.09 -4.36
C PHE A 232 26.33 15.27 -3.15
N ALA A 233 26.86 14.07 -3.44
CA ALA A 233 27.44 13.20 -2.42
C ALA A 233 28.97 13.10 -2.53
#